data_6RSE
#
_entry.id   6RSE
#
_cell.length_a   42.890
_cell.length_b   88.960
_cell.length_c   173.810
_cell.angle_alpha   90.000
_cell.angle_beta   90.000
_cell.angle_gamma   90.000
#
_symmetry.space_group_name_H-M   'P 21 21 21'
#
loop_
_entity.id
_entity.type
_entity.pdbx_description
1 polymer 'Tyrosine-protein kinase JAK1'
2 non-polymer 'methyl ~{N}-[4-aminocarbonyl-1-[(3~{R},4~{R})-4-(cyanomethyl)-1-[(4-ethenyl-2-fluoranyl-5-oxidanyl-phenyl)methyl]-3-fluoranyl-piperidin-4-yl]pyrazol-3-yl]carbamate'
3 water water
#
_entity_poly.entity_id   1
_entity_poly.type   'polypeptide(L)'
_entity_poly.pdbx_seq_one_letter_code
;GDIVSEKKPATEVDPTHFEKRFLKRIRDLGEGHFGKVELCRYDPEGDNTGEQVAVKSLKPESGGNHIADLKKEIEILRNL
YHENIVKYKGICTEDGGNGIKLIMEFLPSGSLKEYLPKNKNKINLKQQLKYAVQICKGMDYLGSRQYVHRDLAARNVLVE
SEHQVKIGDFGLTKAIETDKE(PTR)(PTR)TVKDDRDSPVFWYAPECLMQSKFYIASDVWSFGVTLHELLTYCDSDSSP
MALFLKMIGPTHGQMTVTRLVNTLKEGKRLPCPPNCPDEVYQLMRKCWEFQPSNRTSFQNLIEGFEALLK
;
_entity_poly.pdbx_strand_id   A,B
#
loop_
_chem_comp.id
_chem_comp.type
_chem_comp.name
_chem_comp.formula
KHH non-polymer 'methyl ~{N}-[4-aminocarbonyl-1-[(3~{R},4~{R})-4-(cyanomethyl)-1-[(4-ethenyl-2-fluoranyl-5-oxidanyl-phenyl)methyl]-3-fluoranyl-piperidin-4-yl]pyrazol-3-yl]carbamate' 'C22 H24 F2 N6 O4'
#
# COMPACT_ATOMS: atom_id res chain seq x y z
N VAL A 13 -32.81 -39.52 5.33
CA VAL A 13 -32.61 -38.05 5.22
C VAL A 13 -31.36 -37.65 5.99
N ASP A 14 -30.51 -36.83 5.39
CA ASP A 14 -29.40 -36.17 6.14
C ASP A 14 -29.87 -34.75 6.44
N PRO A 15 -30.08 -34.36 7.72
CA PRO A 15 -30.59 -33.02 8.05
C PRO A 15 -29.57 -31.90 7.79
N THR A 16 -28.33 -32.25 7.41
CA THR A 16 -27.30 -31.25 7.03
C THR A 16 -27.21 -31.15 5.50
N HIS A 17 -28.12 -31.82 4.78
CA HIS A 17 -28.14 -31.80 3.31
C HIS A 17 -29.32 -30.93 2.85
N PHE A 18 -29.02 -29.77 2.28
CA PHE A 18 -30.03 -28.77 1.85
C PHE A 18 -30.09 -28.86 0.32
N GLU A 19 -31.25 -29.23 -0.18
CA GLU A 19 -31.48 -29.36 -1.62
C GLU A 19 -31.62 -27.96 -2.21
N LYS A 20 -30.88 -27.69 -3.26
CA LYS A 20 -30.98 -26.43 -4.03
C LYS A 20 -32.46 -26.10 -4.31
N ARG A 21 -33.27 -27.10 -4.65
CA ARG A 21 -34.61 -26.79 -5.24
C ARG A 21 -35.46 -26.16 -4.14
N PHE A 22 -35.08 -26.31 -2.88
CA PHE A 22 -35.91 -25.86 -1.73
C PHE A 22 -35.30 -24.62 -1.08
N LEU A 23 -34.12 -24.17 -1.51
CA LEU A 23 -33.39 -23.08 -0.81
C LEU A 23 -33.70 -21.77 -1.54
N LYS A 24 -34.62 -20.96 -1.01
CA LYS A 24 -35.15 -19.79 -1.76
C LYS A 24 -34.35 -18.59 -1.30
N ARG A 25 -33.67 -17.93 -2.22
CA ARG A 25 -32.89 -16.70 -1.91
C ARG A 25 -33.88 -15.59 -1.47
N ILE A 26 -33.67 -14.94 -0.30
CA ILE A 26 -34.46 -13.72 0.12
C ILE A 26 -33.70 -12.43 -0.23
N ARG A 27 -32.51 -12.23 0.33
CA ARG A 27 -31.74 -10.98 0.18
C ARG A 27 -30.28 -11.19 0.61
N ASP A 28 -29.42 -10.23 0.22
CA ASP A 28 -27.98 -10.25 0.58
C ASP A 28 -27.85 -9.83 2.03
N LEU A 29 -27.05 -10.54 2.82
CA LEU A 29 -26.61 -10.07 4.15
C LEU A 29 -25.23 -9.43 4.04
N GLY A 30 -24.39 -9.90 3.13
CA GLY A 30 -23.10 -9.25 2.88
C GLY A 30 -22.47 -9.74 1.60
N GLU A 31 -21.36 -9.09 1.28
CA GLU A 31 -20.55 -9.39 0.10
C GLU A 31 -19.05 -9.30 0.49
N GLY A 32 -18.21 -10.08 -0.18
CA GLY A 32 -16.74 -9.90 -0.21
C GLY A 32 -16.25 -9.95 -1.65
N HIS A 33 -14.94 -9.95 -1.84
CA HIS A 33 -14.33 -9.99 -3.18
C HIS A 33 -14.77 -11.24 -3.94
N PHE A 34 -14.89 -12.39 -3.27
CA PHE A 34 -14.95 -13.71 -3.93
C PHE A 34 -16.32 -14.34 -3.73
N GLY A 35 -17.18 -13.74 -2.91
CA GLY A 35 -18.46 -14.41 -2.64
C GLY A 35 -19.42 -13.57 -1.83
N LYS A 36 -20.47 -14.20 -1.35
CA LYS A 36 -21.49 -13.45 -0.61
C LYS A 36 -22.18 -14.33 0.40
N VAL A 37 -22.86 -13.67 1.31
CA VAL A 37 -23.70 -14.38 2.31
C VAL A 37 -25.11 -13.86 2.11
N GLU A 38 -26.05 -14.79 1.87
CA GLU A 38 -27.47 -14.48 1.58
C GLU A 38 -28.40 -15.05 2.66
N LEU A 39 -29.49 -14.33 2.94
CA LEU A 39 -30.67 -14.81 3.70
C LEU A 39 -31.49 -15.67 2.72
N CYS A 40 -31.66 -16.96 3.05
CA CYS A 40 -32.50 -17.89 2.27
C CYS A 40 -33.53 -18.48 3.22
N ARG A 41 -34.68 -18.87 2.69
CA ARG A 41 -35.61 -19.74 3.41
C ARG A 41 -35.46 -21.16 2.82
N TYR A 42 -35.20 -22.15 3.66
CA TYR A 42 -35.20 -23.56 3.22
C TYR A 42 -36.63 -24.04 3.36
N ASP A 43 -37.39 -24.15 2.28
CA ASP A 43 -38.86 -24.29 2.37
C ASP A 43 -39.30 -25.56 1.65
N PRO A 44 -38.87 -26.74 2.11
CA PRO A 44 -39.29 -28.00 1.48
C PRO A 44 -40.80 -28.10 1.24
N GLU A 45 -41.64 -27.50 2.11
CA GLU A 45 -43.11 -27.71 2.02
C GLU A 45 -43.72 -26.63 1.12
N GLY A 46 -42.95 -25.60 0.72
CA GLY A 46 -43.36 -24.61 -0.30
C GLY A 46 -44.44 -23.65 0.17
N ASP A 47 -44.60 -23.46 1.46
CA ASP A 47 -45.68 -22.59 1.99
C ASP A 47 -45.08 -21.43 2.78
N ASN A 48 -43.77 -21.17 2.64
CA ASN A 48 -43.08 -20.06 3.35
C ASN A 48 -43.06 -20.34 4.85
N THR A 49 -43.11 -21.60 5.28
CA THR A 49 -43.00 -21.94 6.74
C THR A 49 -41.61 -22.47 7.11
N GLY A 50 -40.77 -22.79 6.13
CA GLY A 50 -39.39 -23.26 6.32
C GLY A 50 -38.54 -22.29 7.11
N GLU A 51 -37.44 -22.78 7.64
CA GLU A 51 -36.55 -21.96 8.48
C GLU A 51 -35.70 -21.05 7.58
N GLN A 52 -35.49 -19.82 8.04
CA GLN A 52 -34.51 -18.86 7.47
C GLN A 52 -33.10 -19.32 7.86
N VAL A 53 -32.17 -19.26 6.89
CA VAL A 53 -30.76 -19.65 7.08
C VAL A 53 -29.90 -18.62 6.39
N ALA A 54 -28.67 -18.52 6.81
CA ALA A 54 -27.63 -17.69 6.15
C ALA A 54 -26.80 -18.63 5.27
N VAL A 55 -26.49 -18.22 4.04
CA VAL A 55 -25.88 -19.08 3.00
C VAL A 55 -24.70 -18.31 2.39
N LYS A 56 -23.47 -18.82 2.65
CA LYS A 56 -22.21 -18.37 2.05
C LYS A 56 -21.98 -19.14 0.76
N SER A 57 -21.74 -18.41 -0.33
CA SER A 57 -21.41 -19.01 -1.65
C SER A 57 -20.41 -18.10 -2.37
N LEU A 58 -19.72 -18.69 -3.34
CA LEU A 58 -18.69 -17.96 -4.12
C LEU A 58 -19.36 -17.39 -5.36
N LYS A 59 -18.89 -16.26 -5.87
CA LYS A 59 -19.34 -15.82 -7.21
C LYS A 59 -18.62 -16.72 -8.21
N PRO A 60 -19.26 -17.09 -9.32
CA PRO A 60 -18.65 -18.04 -10.26
C PRO A 60 -17.47 -17.29 -10.89
N GLU A 61 -16.25 -17.84 -10.74
CA GLU A 61 -14.95 -17.14 -10.95
C GLU A 61 -13.87 -17.87 -10.13
N SER A 62 -13.91 -17.71 -8.80
CA SER A 62 -12.93 -18.14 -7.75
C SER A 62 -11.75 -19.00 -8.27
N GLY A 63 -10.83 -18.38 -9.02
CA GLY A 63 -9.62 -18.99 -9.62
C GLY A 63 -8.72 -19.67 -8.61
N GLY A 64 -7.90 -18.89 -7.88
CA GLY A 64 -6.92 -19.37 -6.87
C GLY A 64 -7.58 -20.23 -5.80
N ASN A 65 -8.10 -21.40 -6.23
CA ASN A 65 -9.31 -22.08 -5.68
C ASN A 65 -9.77 -21.40 -4.38
N HIS A 66 -10.67 -20.43 -4.54
CA HIS A 66 -11.57 -20.06 -3.42
C HIS A 66 -12.39 -21.31 -3.06
N ILE A 67 -12.80 -22.19 -3.99
CA ILE A 67 -13.58 -23.42 -3.65
C ILE A 67 -12.83 -24.25 -2.59
N ALA A 68 -11.55 -24.54 -2.81
CA ALA A 68 -10.73 -25.32 -1.85
C ALA A 68 -10.79 -24.62 -0.49
N ASP A 69 -10.67 -23.30 -0.46
CA ASP A 69 -10.67 -22.55 0.83
C ASP A 69 -12.06 -22.66 1.47
N LEU A 70 -13.11 -22.56 0.66
CA LEU A 70 -14.48 -22.58 1.25
C LEU A 70 -14.73 -23.97 1.84
N LYS A 71 -14.25 -25.01 1.18
CA LYS A 71 -14.40 -26.39 1.63
C LYS A 71 -13.68 -26.56 2.96
N LYS A 72 -12.53 -25.87 3.12
CA LYS A 72 -11.75 -25.98 4.37
C LYS A 72 -12.46 -25.16 5.45
N GLU A 73 -13.00 -24.01 5.11
CA GLU A 73 -13.84 -23.24 6.05
C GLU A 73 -15.05 -24.03 6.55
N ILE A 74 -15.73 -24.72 5.63
CA ILE A 74 -16.91 -25.53 5.99
C ILE A 74 -16.45 -26.63 6.97
N GLU A 75 -15.34 -27.29 6.68
CA GLU A 75 -14.81 -28.37 7.58
C GLU A 75 -14.44 -27.77 8.94
N ILE A 76 -13.93 -26.54 9.00
CA ILE A 76 -13.56 -25.90 10.30
C ILE A 76 -14.83 -25.67 11.10
N LEU A 77 -15.83 -25.07 10.47
CA LEU A 77 -17.02 -24.59 11.19
C LEU A 77 -17.89 -25.79 11.59
N ARG A 78 -18.03 -26.80 10.74
CA ARG A 78 -18.78 -28.04 11.04
C ARG A 78 -18.34 -28.62 12.42
N ASN A 79 -17.07 -28.48 12.75
CA ASN A 79 -16.44 -29.15 13.91
C ASN A 79 -16.17 -28.17 15.04
N LEU A 80 -16.68 -26.93 14.97
CA LEU A 80 -16.68 -26.00 16.09
C LEU A 80 -18.04 -26.08 16.79
N TYR A 81 -18.03 -26.29 18.11
CA TYR A 81 -19.24 -26.33 18.97
C TYR A 81 -18.97 -25.45 20.18
N HIS A 82 -19.50 -24.24 20.19
CA HIS A 82 -19.30 -23.34 21.34
C HIS A 82 -20.46 -22.38 21.31
N GLU A 83 -21.03 -21.99 22.46
CA GLU A 83 -22.23 -21.11 22.41
C GLU A 83 -21.97 -19.72 21.80
N ASN A 84 -20.73 -19.27 21.71
CA ASN A 84 -20.30 -17.96 21.13
C ASN A 84 -19.71 -18.12 19.72
N ILE A 85 -19.96 -19.23 19.04
CA ILE A 85 -19.61 -19.50 17.61
C ILE A 85 -20.89 -19.83 16.86
N VAL A 86 -21.13 -19.14 15.76
CA VAL A 86 -22.35 -19.30 14.94
C VAL A 86 -22.48 -20.80 14.55
N LYS A 87 -23.69 -21.31 14.56
CA LYS A 87 -23.96 -22.76 14.28
C LYS A 87 -23.90 -23.05 12.78
N TYR A 88 -23.05 -23.98 12.39
CA TYR A 88 -23.21 -24.78 11.14
C TYR A 88 -24.55 -25.53 11.14
N LYS A 89 -25.27 -25.44 10.02
CA LYS A 89 -26.53 -26.19 9.70
C LYS A 89 -26.25 -27.21 8.59
N GLY A 90 -25.40 -26.94 7.63
CA GLY A 90 -25.11 -27.93 6.59
C GLY A 90 -24.59 -27.34 5.33
N ILE A 91 -24.70 -28.09 4.24
CA ILE A 91 -24.27 -27.68 2.88
C ILE A 91 -25.34 -27.91 1.82
N CYS A 92 -25.16 -27.21 0.70
CA CYS A 92 -25.92 -27.34 -0.58
C CYS A 92 -24.87 -27.59 -1.67
N THR A 93 -24.90 -28.75 -2.35
CA THR A 93 -23.84 -29.14 -3.34
C THR A 93 -24.39 -29.01 -4.75
N GLU A 94 -23.56 -28.51 -5.68
CA GLU A 94 -23.90 -28.32 -7.13
C GLU A 94 -22.74 -28.86 -7.99
N GLY A 99 -19.49 -26.98 -7.06
CA GLY A 99 -19.66 -25.75 -6.26
C GLY A 99 -20.52 -26.08 -5.03
N ILE A 100 -20.34 -25.38 -3.93
CA ILE A 100 -20.89 -25.81 -2.61
C ILE A 100 -21.32 -24.53 -1.94
N LYS A 101 -22.26 -24.63 -1.00
CA LYS A 101 -22.77 -23.43 -0.28
C LYS A 101 -22.71 -23.83 1.19
N LEU A 102 -22.22 -22.96 2.05
CA LEU A 102 -22.20 -23.18 3.51
C LEU A 102 -23.48 -22.60 4.11
N ILE A 103 -24.32 -23.40 4.73
CA ILE A 103 -25.59 -23.02 5.37
C ILE A 103 -25.26 -22.81 6.87
N MET A 104 -25.68 -21.67 7.45
CA MET A 104 -25.50 -21.37 8.88
C MET A 104 -26.84 -20.91 9.44
N GLU A 105 -26.94 -20.88 10.75
CA GLU A 105 -28.10 -20.29 11.42
C GLU A 105 -28.18 -18.83 10.97
N PHE A 106 -29.36 -18.29 10.90
CA PHE A 106 -29.56 -16.85 10.70
C PHE A 106 -29.81 -16.14 11.99
N LEU A 107 -29.05 -15.07 12.26
CA LEU A 107 -29.19 -14.22 13.47
C LEU A 107 -29.71 -12.85 13.02
N PRO A 108 -31.06 -12.65 13.04
CA PRO A 108 -31.68 -11.50 12.40
C PRO A 108 -31.22 -10.12 12.95
N SER A 109 -30.61 -10.09 14.14
CA SER A 109 -30.04 -8.84 14.71
C SER A 109 -28.79 -8.40 13.94
N GLY A 110 -28.15 -9.31 13.21
CA GLY A 110 -26.94 -9.01 12.43
C GLY A 110 -25.72 -8.85 13.30
N SER A 111 -24.75 -8.09 12.79
CA SER A 111 -23.50 -7.87 13.53
C SER A 111 -23.60 -6.70 14.55
N LEU A 112 -22.63 -6.70 15.48
CA LEU A 112 -22.43 -5.51 16.38
C LEU A 112 -22.42 -4.24 15.54
N LYS A 113 -21.90 -4.29 14.33
CA LYS A 113 -21.89 -3.07 13.47
C LYS A 113 -23.31 -2.58 13.14
N GLU A 114 -24.30 -3.46 12.93
N GLU A 114 -24.24 -3.51 12.89
CA GLU A 114 -25.69 -3.02 12.65
CA GLU A 114 -25.68 -3.23 12.65
C GLU A 114 -26.49 -2.86 13.96
C GLU A 114 -26.34 -2.81 13.98
N TYR A 115 -26.18 -3.63 14.99
CA TYR A 115 -27.02 -3.66 16.20
C TYR A 115 -26.65 -2.54 17.19
N LEU A 116 -25.37 -2.33 17.50
CA LEU A 116 -25.01 -1.37 18.57
C LEU A 116 -25.52 0.04 18.24
N PRO A 117 -25.36 0.60 17.00
CA PRO A 117 -25.80 1.97 16.77
C PRO A 117 -27.31 2.15 17.05
N LYS A 118 -28.12 1.09 16.94
CA LYS A 118 -29.58 1.14 17.09
C LYS A 118 -29.98 0.85 18.54
N ASN A 119 -29.04 0.52 19.44
CA ASN A 119 -29.42 -0.03 20.76
C ASN A 119 -28.56 0.53 21.89
N LYS A 120 -27.95 1.68 21.69
CA LYS A 120 -27.08 2.25 22.75
C LYS A 120 -27.87 2.37 24.07
N ASN A 121 -29.15 2.71 24.00
CA ASN A 121 -29.97 2.98 25.22
C ASN A 121 -30.13 1.68 25.99
N LYS A 122 -30.08 0.57 25.28
CA LYS A 122 -30.29 -0.80 25.78
C LYS A 122 -28.98 -1.38 26.37
N ILE A 123 -27.84 -1.11 25.74
CA ILE A 123 -26.53 -1.81 25.95
C ILE A 123 -25.63 -0.85 26.73
N ASN A 124 -25.54 -1.02 28.04
CA ASN A 124 -24.67 -0.18 28.90
C ASN A 124 -23.29 -0.81 29.01
N LEU A 125 -22.41 -0.27 29.85
CA LEU A 125 -21.04 -0.80 29.97
C LEU A 125 -21.05 -2.25 30.49
N LYS A 126 -21.88 -2.56 31.45
CA LYS A 126 -21.95 -3.95 31.96
C LYS A 126 -22.23 -4.93 30.80
N GLN A 127 -23.19 -4.60 29.95
CA GLN A 127 -23.52 -5.54 28.85
C GLN A 127 -22.37 -5.54 27.84
N GLN A 128 -21.69 -4.41 27.65
CA GLN A 128 -20.55 -4.37 26.71
C GLN A 128 -19.47 -5.31 27.24
N LEU A 129 -19.23 -5.30 28.53
CA LEU A 129 -18.16 -6.17 29.05
C LEU A 129 -18.57 -7.62 28.98
N LYS A 130 -19.85 -7.95 29.15
CA LYS A 130 -20.27 -9.35 29.01
C LYS A 130 -19.98 -9.77 27.57
N TYR A 131 -20.28 -8.90 26.58
CA TYR A 131 -20.13 -9.28 25.15
C TYR A 131 -18.62 -9.49 24.94
N ALA A 132 -17.80 -8.67 25.61
CA ALA A 132 -16.31 -8.75 25.52
C ALA A 132 -15.87 -10.14 26.01
N VAL A 133 -16.31 -10.53 27.20
CA VAL A 133 -16.08 -11.90 27.72
C VAL A 133 -16.49 -12.98 26.70
N GLN A 134 -17.67 -12.86 26.14
CA GLN A 134 -18.19 -13.93 25.25
C GLN A 134 -17.36 -14.00 23.95
N ILE A 135 -16.98 -12.86 23.39
CA ILE A 135 -16.02 -12.90 22.26
C ILE A 135 -14.72 -13.56 22.69
N CYS A 136 -14.19 -13.23 23.83
CA CYS A 136 -12.93 -13.87 24.32
C CYS A 136 -13.10 -15.39 24.50
N LYS A 137 -14.23 -15.85 25.03
CA LYS A 137 -14.51 -17.31 25.19
C LYS A 137 -14.57 -18.00 23.83
N GLY A 138 -15.08 -17.31 22.84
CA GLY A 138 -15.15 -17.87 21.49
C GLY A 138 -13.75 -18.06 20.95
N MET A 139 -13.02 -16.97 21.05
CA MET A 139 -11.66 -16.83 20.53
C MET A 139 -10.74 -17.79 21.30
N ASP A 140 -10.91 -17.98 22.59
CA ASP A 140 -10.07 -18.94 23.35
C ASP A 140 -10.39 -20.36 22.91
N TYR A 141 -11.63 -20.64 22.54
CA TYR A 141 -11.99 -22.00 22.06
C TYR A 141 -11.27 -22.27 20.74
N LEU A 142 -11.28 -21.27 19.85
CA LEU A 142 -10.72 -21.39 18.48
C LEU A 142 -9.22 -21.54 18.62
N GLY A 143 -8.57 -20.75 19.50
CA GLY A 143 -7.15 -20.91 19.87
C GLY A 143 -6.86 -22.31 20.38
N SER A 144 -7.67 -22.82 21.31
CA SER A 144 -7.53 -24.18 21.91
C SER A 144 -7.54 -25.24 20.81
N ARG A 145 -8.25 -25.00 19.70
CA ARG A 145 -8.41 -25.97 18.59
C ARG A 145 -7.35 -25.73 17.49
N GLN A 146 -6.38 -24.86 17.82
CA GLN A 146 -5.15 -24.56 17.03
C GLN A 146 -5.49 -23.73 15.79
N TYR A 147 -6.46 -22.80 15.88
CA TYR A 147 -6.80 -21.90 14.75
C TYR A 147 -6.42 -20.46 15.10
N VAL A 148 -6.02 -19.73 14.07
CA VAL A 148 -5.86 -18.26 14.01
C VAL A 148 -7.04 -17.71 13.13
N HIS A 149 -7.80 -16.73 13.65
CA HIS A 149 -9.02 -16.24 12.97
C HIS A 149 -8.62 -15.27 11.84
N ARG A 150 -7.75 -14.31 12.13
CA ARG A 150 -7.18 -13.30 11.18
C ARG A 150 -8.19 -12.26 10.70
N ASP A 151 -9.40 -12.16 11.27
CA ASP A 151 -10.42 -11.20 10.77
C ASP A 151 -11.33 -10.79 11.91
N LEU A 152 -10.81 -10.77 13.15
CA LEU A 152 -11.69 -10.48 14.33
C LEU A 152 -12.03 -8.97 14.27
N ALA A 153 -13.28 -8.61 13.95
CA ALA A 153 -13.81 -7.24 13.89
C ALA A 153 -15.29 -7.29 14.23
N ALA A 154 -15.88 -6.17 14.69
CA ALA A 154 -17.30 -6.09 15.11
C ALA A 154 -18.23 -6.58 13.99
N ARG A 155 -17.88 -6.35 12.72
CA ARG A 155 -18.73 -6.79 11.56
C ARG A 155 -18.87 -8.34 11.52
N ASN A 156 -18.00 -9.06 12.26
CA ASN A 156 -17.88 -10.56 12.24
C ASN A 156 -18.41 -11.12 13.56
N VAL A 157 -19.00 -10.25 14.37
CA VAL A 157 -19.58 -10.63 15.68
C VAL A 157 -21.11 -10.43 15.60
N LEU A 158 -21.84 -11.53 15.69
CA LEU A 158 -23.30 -11.51 15.45
C LEU A 158 -24.00 -11.42 16.82
N VAL A 159 -25.18 -10.82 16.82
CA VAL A 159 -26.01 -10.64 18.02
C VAL A 159 -27.08 -11.72 17.99
N GLU A 160 -26.95 -12.68 18.87
CA GLU A 160 -28.01 -13.72 19.08
C GLU A 160 -29.22 -13.09 19.79
N SER A 161 -28.96 -12.24 20.77
CA SER A 161 -29.94 -11.63 21.70
C SER A 161 -29.23 -10.46 22.39
N GLU A 162 -30.01 -9.63 23.05
CA GLU A 162 -29.45 -8.61 23.94
C GLU A 162 -28.38 -9.21 24.86
N HIS A 163 -28.45 -10.50 25.21
CA HIS A 163 -27.58 -11.12 26.25
C HIS A 163 -26.45 -11.99 25.63
N GLN A 164 -26.33 -12.13 24.30
CA GLN A 164 -25.44 -13.17 23.69
C GLN A 164 -24.93 -12.76 22.32
N VAL A 165 -23.63 -12.87 22.11
CA VAL A 165 -22.97 -12.72 20.80
C VAL A 165 -22.28 -14.02 20.40
N LYS A 166 -22.09 -14.14 19.10
CA LYS A 166 -21.34 -15.27 18.50
C LYS A 166 -20.44 -14.73 17.38
N ILE A 167 -19.23 -15.25 17.33
CA ILE A 167 -18.33 -15.02 16.17
C ILE A 167 -18.99 -15.69 14.97
N GLY A 168 -19.23 -14.94 13.88
CA GLY A 168 -20.22 -15.27 12.80
C GLY A 168 -19.58 -15.55 11.45
N ASP A 169 -18.25 -15.52 11.30
CA ASP A 169 -17.57 -15.67 10.00
C ASP A 169 -16.18 -16.16 10.23
N PHE A 170 -15.76 -17.12 9.40
CA PHE A 170 -14.46 -17.81 9.48
C PHE A 170 -13.78 -17.87 8.11
N GLY A 171 -14.06 -16.91 7.23
CA GLY A 171 -13.49 -16.86 5.87
C GLY A 171 -11.97 -16.85 5.83
N LEU A 172 -11.26 -16.27 6.79
CA LEU A 172 -9.77 -16.25 6.79
C LEU A 172 -9.16 -17.19 7.81
N THR A 173 -9.94 -17.92 8.56
CA THR A 173 -9.41 -18.82 9.60
C THR A 173 -8.46 -19.89 9.04
N LYS A 174 -7.35 -20.12 9.76
CA LYS A 174 -6.30 -21.09 9.45
C LYS A 174 -5.82 -21.86 10.68
N ALA A 175 -5.37 -23.08 10.39
CA ALA A 175 -4.80 -24.03 11.37
C ALA A 175 -3.34 -23.58 11.53
N ILE A 176 -2.88 -23.39 12.77
CA ILE A 176 -1.43 -23.30 13.04
C ILE A 176 -0.94 -24.75 13.08
N GLU A 177 0.07 -25.06 12.30
CA GLU A 177 0.67 -26.42 12.30
C GLU A 177 1.06 -26.76 13.75
N THR A 178 0.96 -28.04 14.13
CA THR A 178 1.47 -28.55 15.43
C THR A 178 2.97 -28.16 15.47
N ASP A 179 3.43 -27.62 16.60
CA ASP A 179 4.86 -27.30 16.90
C ASP A 179 5.27 -25.98 16.18
N LYS A 180 4.29 -25.21 15.70
CA LYS A 180 4.47 -23.86 15.09
C LYS A 180 3.71 -22.85 15.97
N GLU A 181 4.19 -21.60 16.03
CA GLU A 181 3.59 -20.51 16.86
C GLU A 181 2.67 -19.65 15.98
N PTR A 182 2.84 -19.75 14.65
CA PTR A 182 2.13 -18.86 13.74
C PTR A 182 1.89 -19.52 12.40
O PTR A 182 2.48 -20.55 12.06
CB PTR A 182 2.92 -17.57 13.52
CG PTR A 182 4.26 -17.72 12.85
CD1 PTR A 182 5.43 -17.69 13.59
CD2 PTR A 182 4.36 -17.81 11.47
CE1 PTR A 182 6.67 -17.75 12.99
CE2 PTR A 182 5.59 -17.91 10.85
CZ PTR A 182 6.73 -17.89 11.61
OH PTR A 182 7.95 -17.92 10.93
P PTR A 182 9.19 -18.80 11.31
O1P PTR A 182 10.19 -18.64 10.19
O2P PTR A 182 8.71 -20.22 11.39
O3P PTR A 182 9.73 -18.32 12.66
N PTR A 183 1.04 -18.82 11.63
CA PTR A 183 0.73 -19.13 10.25
C PTR A 183 1.15 -17.98 9.35
O PTR A 183 0.71 -16.84 9.51
CB PTR A 183 -0.78 -19.35 10.09
CG PTR A 183 -1.17 -19.64 8.67
CD1 PTR A 183 -1.70 -18.65 7.88
CD2 PTR A 183 -0.98 -20.90 8.15
CE1 PTR A 183 -2.05 -18.90 6.56
CE2 PTR A 183 -1.33 -21.19 6.84
CZ PTR A 183 -1.86 -20.17 6.06
OH PTR A 183 -2.27 -20.28 4.73
P PTR A 183 -2.20 -21.59 3.79
O1P PTR A 183 -2.25 -21.01 2.40
O2P PTR A 183 -0.97 -22.43 3.98
O3P PTR A 183 -3.46 -22.36 4.12
N THR A 184 2.01 -18.31 8.37
CA THR A 184 2.43 -17.34 7.37
C THR A 184 1.43 -17.33 6.22
N VAL A 185 0.96 -16.19 5.69
CA VAL A 185 0.48 -16.18 4.28
C VAL A 185 0.79 -14.85 3.61
N LYS A 186 0.59 -14.79 2.30
CA LYS A 186 0.43 -13.52 1.55
C LYS A 186 -0.55 -13.76 0.39
N ASP A 187 -1.61 -14.49 0.69
CA ASP A 187 -2.76 -14.80 -0.19
C ASP A 187 -3.26 -13.56 -0.96
N ASP A 188 -4.22 -12.83 -0.37
CA ASP A 188 -5.19 -11.94 -1.07
C ASP A 188 -5.43 -10.68 -0.22
N ARG A 189 -4.52 -9.69 -0.24
CA ARG A 189 -4.56 -8.65 0.83
C ARG A 189 -5.57 -7.55 0.46
N ASP A 190 -6.81 -7.99 0.37
CA ASP A 190 -7.98 -7.31 0.98
C ASP A 190 -7.85 -7.46 2.52
N SER A 191 -6.67 -7.29 3.12
CA SER A 191 -6.42 -7.39 4.60
C SER A 191 -7.05 -6.21 5.35
N PRO A 192 -7.74 -6.47 6.50
CA PRO A 192 -8.23 -5.43 7.40
C PRO A 192 -7.08 -4.85 8.20
N VAL A 193 -6.28 -4.02 7.53
CA VAL A 193 -4.97 -3.53 8.04
C VAL A 193 -5.17 -2.73 9.34
N PHE A 194 -6.34 -2.09 9.56
CA PHE A 194 -6.54 -1.20 10.75
C PHE A 194 -6.91 -2.08 11.97
N TRP A 195 -7.11 -3.37 11.75
CA TRP A 195 -7.27 -4.41 12.79
C TRP A 195 -6.00 -5.26 13.03
N TYR A 196 -4.89 -5.03 12.31
CA TYR A 196 -3.81 -6.04 12.31
C TYR A 196 -2.65 -5.58 13.18
N ALA A 197 -2.06 -6.57 13.86
CA ALA A 197 -0.83 -6.47 14.68
C ALA A 197 0.37 -6.22 13.76
N PRO A 198 1.41 -5.51 14.26
CA PRO A 198 2.57 -5.15 13.46
C PRO A 198 3.27 -6.32 12.73
N GLU A 199 3.37 -7.50 13.38
CA GLU A 199 3.99 -8.74 12.82
C GLU A 199 3.15 -9.25 11.65
N CYS A 200 1.85 -8.95 11.66
CA CYS A 200 0.92 -9.26 10.52
C CYS A 200 1.21 -8.29 9.37
N LEU A 201 1.34 -6.98 9.64
CA LEU A 201 1.55 -5.94 8.60
C LEU A 201 2.98 -6.02 8.05
N MET A 202 3.94 -6.33 8.90
CA MET A 202 5.37 -6.25 8.56
C MET A 202 5.79 -7.55 7.87
N GLN A 203 5.34 -8.73 8.36
CA GLN A 203 5.87 -10.06 7.95
C GLN A 203 4.79 -11.14 7.77
N SER A 204 3.52 -10.77 7.59
CA SER A 204 2.48 -11.70 7.08
C SER A 204 2.50 -13.00 7.91
N LYS A 205 2.91 -12.87 9.17
CA LYS A 205 2.85 -13.92 10.21
C LYS A 205 1.66 -13.62 11.12
N PHE A 206 0.89 -14.66 11.45
CA PHE A 206 -0.33 -14.60 12.32
C PHE A 206 -0.26 -15.62 13.45
N TYR A 207 -0.11 -15.08 14.66
CA TYR A 207 -0.08 -15.78 15.95
C TYR A 207 -1.46 -15.71 16.59
N ILE A 208 -1.69 -16.54 17.60
CA ILE A 208 -2.90 -16.37 18.46
C ILE A 208 -2.87 -14.93 19.02
N ALA A 209 -1.69 -14.44 19.42
CA ALA A 209 -1.48 -13.09 20.00
C ALA A 209 -1.89 -12.01 19.02
N SER A 210 -1.81 -12.31 17.71
CA SER A 210 -2.31 -11.46 16.59
C SER A 210 -3.83 -11.28 16.69
N ASP A 211 -4.58 -12.37 16.86
CA ASP A 211 -6.05 -12.30 17.12
C ASP A 211 -6.31 -11.53 18.44
N VAL A 212 -5.37 -11.55 19.42
CA VAL A 212 -5.59 -10.79 20.68
C VAL A 212 -5.49 -9.29 20.36
N TRP A 213 -4.54 -8.93 19.51
CA TRP A 213 -4.42 -7.53 19.05
C TRP A 213 -5.78 -7.16 18.41
N SER A 214 -6.26 -8.00 17.50
CA SER A 214 -7.52 -7.80 16.71
C SER A 214 -8.72 -7.65 17.65
N PHE A 215 -8.72 -8.45 18.71
CA PHE A 215 -9.73 -8.31 19.79
C PHE A 215 -9.66 -6.93 20.45
N GLY A 216 -8.48 -6.35 20.72
CA GLY A 216 -8.46 -5.02 21.34
C GLY A 216 -9.16 -3.97 20.48
N VAL A 217 -8.96 -4.05 19.16
CA VAL A 217 -9.56 -3.10 18.17
C VAL A 217 -11.05 -3.37 18.15
N THR A 218 -11.46 -4.64 18.24
CA THR A 218 -12.90 -4.99 18.24
C THR A 218 -13.52 -4.44 19.53
N LEU A 219 -12.81 -4.54 20.67
CA LEU A 219 -13.29 -3.98 21.95
C LEU A 219 -13.47 -2.48 21.83
N HIS A 220 -12.54 -1.80 21.17
CA HIS A 220 -12.62 -0.35 20.98
C HIS A 220 -13.94 -0.08 20.21
N GLU A 221 -14.20 -0.85 19.16
CA GLU A 221 -15.44 -0.75 18.31
C GLU A 221 -16.67 -0.93 19.19
N LEU A 222 -16.63 -1.93 20.06
CA LEU A 222 -17.82 -2.24 20.88
C LEU A 222 -18.04 -1.05 21.83
N LEU A 223 -16.94 -0.48 22.32
CA LEU A 223 -17.01 0.59 23.35
C LEU A 223 -17.48 1.90 22.67
N THR A 224 -17.32 2.05 21.35
CA THR A 224 -17.79 3.22 20.53
C THR A 224 -19.13 2.93 19.84
N TYR A 225 -19.81 1.84 20.22
CA TYR A 225 -21.07 1.34 19.62
C TYR A 225 -20.99 1.33 18.09
N CYS A 226 -19.81 0.95 17.56
CA CYS A 226 -19.50 0.86 16.11
C CYS A 226 -19.91 2.16 15.40
N ASP A 227 -19.75 3.33 16.02
CA ASP A 227 -20.05 4.58 15.27
C ASP A 227 -19.01 4.70 14.16
N SER A 228 -19.47 4.99 12.94
CA SER A 228 -18.58 5.02 11.76
C SER A 228 -17.55 6.17 11.89
N ASP A 229 -17.88 7.29 12.55
CA ASP A 229 -16.91 8.40 12.75
C ASP A 229 -15.83 8.08 13.80
N SER A 230 -15.97 7.03 14.61
CA SER A 230 -14.94 6.61 15.60
C SER A 230 -14.35 5.25 15.20
N SER A 231 -14.63 4.77 13.99
CA SER A 231 -14.16 3.43 13.54
C SER A 231 -12.63 3.44 13.60
N PRO A 232 -12.00 2.27 13.86
CA PRO A 232 -10.55 2.14 13.80
C PRO A 232 -9.97 2.68 12.49
N MET A 233 -10.63 2.49 11.36
CA MET A 233 -10.12 3.06 10.08
C MET A 233 -10.22 4.60 10.14
N ALA A 234 -11.35 5.18 10.52
CA ALA A 234 -11.49 6.66 10.65
C ALA A 234 -10.38 7.21 11.56
N LEU A 235 -10.16 6.60 12.71
CA LEU A 235 -9.30 7.23 13.75
C LEU A 235 -7.84 7.11 13.34
N PHE A 236 -7.44 5.99 12.75
CA PHE A 236 -6.05 5.76 12.27
C PHE A 236 -5.75 6.73 11.13
N LEU A 237 -6.68 6.90 10.20
CA LEU A 237 -6.49 7.79 9.04
C LEU A 237 -6.31 9.23 9.54
N LYS A 238 -6.96 9.61 10.64
CA LYS A 238 -6.74 10.93 11.30
C LYS A 238 -5.31 11.00 11.82
N MET A 239 -4.82 9.94 12.46
CA MET A 239 -3.46 9.93 13.08
C MET A 239 -2.38 10.03 11.99
N ILE A 240 -2.58 9.45 10.81
CA ILE A 240 -1.45 9.31 9.82
C ILE A 240 -1.69 10.15 8.55
N GLY A 241 -2.95 10.39 8.15
CA GLY A 241 -3.34 11.06 6.90
C GLY A 241 -4.28 10.19 6.06
N PRO A 242 -5.47 10.70 5.63
CA PRO A 242 -6.41 9.94 4.80
C PRO A 242 -5.91 9.82 3.36
N THR A 243 -4.88 10.60 3.07
CA THR A 243 -4.11 10.56 1.80
C THR A 243 -3.34 9.22 1.76
N HIS A 244 -2.24 9.21 1.01
CA HIS A 244 -1.08 8.30 1.16
C HIS A 244 -1.20 7.10 0.21
N GLY A 245 -2.43 6.64 -0.07
CA GLY A 245 -2.71 5.49 -0.94
C GLY A 245 -1.83 4.30 -0.61
N GLN A 246 -0.94 3.93 -1.55
CA GLN A 246 0.02 2.78 -1.52
C GLN A 246 1.04 2.89 -0.33
N MET A 247 1.09 4.11 0.31
CA MET A 247 1.97 4.33 1.50
C MET A 247 1.23 4.10 2.82
N THR A 248 -0.10 3.91 2.80
CA THR A 248 -0.90 3.92 4.08
C THR A 248 -0.18 3.01 5.12
N VAL A 249 -0.02 1.71 4.76
CA VAL A 249 0.37 0.61 5.71
C VAL A 249 1.73 0.91 6.34
N THR A 250 2.73 1.32 5.54
CA THR A 250 4.02 1.71 6.15
C THR A 250 3.64 2.72 7.32
N ARG A 251 2.93 3.81 6.84
CA ARG A 251 2.64 4.99 7.72
C ARG A 251 1.98 4.46 9.00
N LEU A 252 1.12 3.45 8.85
CA LEU A 252 0.43 2.82 10.00
C LEU A 252 1.46 2.06 10.87
N VAL A 253 2.39 1.32 10.22
CA VAL A 253 3.44 0.52 10.93
C VAL A 253 4.35 1.47 11.73
N ASN A 254 4.85 2.53 11.06
CA ASN A 254 5.50 3.74 11.63
C ASN A 254 4.77 4.25 12.88
N THR A 255 3.49 4.63 12.75
CA THR A 255 2.61 5.05 13.87
C THR A 255 2.71 4.04 15.02
N LEU A 256 2.50 2.74 14.76
CA LEU A 256 2.52 1.69 15.83
C LEU A 256 3.91 1.58 16.48
N LYS A 257 4.98 1.65 15.70
CA LYS A 257 6.39 1.52 16.21
C LYS A 257 6.78 2.68 17.17
N GLU A 258 6.18 3.85 16.92
CA GLU A 258 6.27 5.06 17.78
C GLU A 258 5.45 4.91 19.06
N GLY A 259 4.60 3.87 19.16
CA GLY A 259 3.83 3.55 20.37
C GLY A 259 2.50 4.27 20.41
N LYS A 260 2.08 4.88 19.30
CA LYS A 260 0.74 5.51 19.10
C LYS A 260 -0.35 4.42 19.05
N ARG A 261 -1.41 4.59 19.84
CA ARG A 261 -2.58 3.67 19.82
C ARG A 261 -3.86 4.48 19.68
N LEU A 262 -4.93 3.80 19.29
CA LEU A 262 -6.30 4.31 19.31
C LEU A 262 -6.54 4.88 20.71
N PRO A 263 -7.21 6.05 20.78
CA PRO A 263 -7.41 6.76 22.03
C PRO A 263 -8.51 6.05 22.85
N CYS A 264 -8.61 6.39 24.12
CA CYS A 264 -9.66 5.88 25.02
C CYS A 264 -11.02 6.32 24.48
N PRO A 265 -11.96 5.37 24.25
CA PRO A 265 -13.34 5.72 23.86
C PRO A 265 -13.97 6.67 24.88
N PRO A 266 -14.87 7.58 24.45
CA PRO A 266 -15.54 8.45 25.38
C PRO A 266 -16.26 7.54 26.37
N ASN A 267 -16.20 7.90 27.66
CA ASN A 267 -16.96 7.20 28.72
C ASN A 267 -16.39 5.81 29.04
N CYS A 268 -15.30 5.39 28.42
CA CYS A 268 -14.62 4.12 28.74
C CYS A 268 -13.72 4.34 29.95
N PRO A 269 -13.96 3.64 31.07
CA PRO A 269 -13.14 3.79 32.27
C PRO A 269 -11.69 3.41 31.96
N ASP A 270 -10.73 4.08 32.62
CA ASP A 270 -9.29 3.82 32.38
C ASP A 270 -8.99 2.33 32.54
N GLU A 271 -9.60 1.67 33.53
CA GLU A 271 -9.32 0.23 33.86
C GLU A 271 -9.76 -0.67 32.70
N VAL A 272 -10.78 -0.30 31.92
CA VAL A 272 -11.14 -1.05 30.69
C VAL A 272 -10.11 -0.69 29.61
N TYR A 273 -9.80 0.59 29.44
CA TYR A 273 -8.81 1.02 28.43
C TYR A 273 -7.49 0.28 28.72
N GLN A 274 -7.10 0.12 30.00
CA GLN A 274 -5.80 -0.56 30.31
C GLN A 274 -5.85 -2.04 29.89
N LEU A 275 -6.99 -2.73 29.99
CA LEU A 275 -7.07 -4.11 29.40
C LEU A 275 -6.89 -4.09 27.89
N MET A 276 -7.47 -3.10 27.20
CA MET A 276 -7.35 -2.93 25.73
C MET A 276 -5.88 -2.64 25.36
N ARG A 277 -5.17 -1.79 26.12
CA ARG A 277 -3.74 -1.50 25.85
C ARG A 277 -2.91 -2.79 25.89
N LYS A 278 -3.24 -3.73 26.78
CA LYS A 278 -2.44 -4.98 26.91
C LYS A 278 -2.64 -5.83 25.65
N CYS A 279 -3.70 -5.60 24.86
CA CYS A 279 -3.91 -6.27 23.56
C CYS A 279 -2.91 -5.76 22.52
N TRP A 280 -2.33 -4.57 22.75
CA TRP A 280 -1.63 -3.73 21.75
C TRP A 280 -0.16 -3.54 22.11
N GLU A 281 0.42 -4.41 22.94
CA GLU A 281 1.89 -4.53 23.15
C GLU A 281 2.55 -4.85 21.81
N PHE A 282 3.57 -4.10 21.40
CA PHE A 282 4.18 -4.24 20.05
C PHE A 282 4.54 -5.71 19.82
N GLN A 283 5.15 -6.39 20.80
CA GLN A 283 5.67 -7.77 20.64
C GLN A 283 4.58 -8.78 21.00
N PRO A 284 4.25 -9.75 20.11
CA PRO A 284 3.24 -10.77 20.40
C PRO A 284 3.38 -11.43 21.78
N SER A 285 4.63 -11.68 22.18
CA SER A 285 4.98 -12.37 23.46
C SER A 285 4.59 -11.47 24.64
N ASN A 286 4.51 -10.15 24.43
CA ASN A 286 4.24 -9.15 25.51
C ASN A 286 2.74 -8.94 25.70
N ARG A 287 1.92 -9.51 24.84
CA ARG A 287 0.46 -9.27 24.85
C ARG A 287 -0.20 -10.13 25.93
N THR A 288 -1.27 -9.63 26.50
CA THR A 288 -2.24 -10.44 27.26
C THR A 288 -2.75 -11.59 26.38
N SER A 289 -3.33 -12.53 27.08
CA SER A 289 -4.02 -13.73 26.57
C SER A 289 -5.54 -13.54 26.69
N PHE A 290 -6.31 -14.28 25.90
CA PHE A 290 -7.77 -14.35 26.02
C PHE A 290 -8.20 -14.74 27.46
N GLN A 291 -7.56 -15.74 28.04
CA GLN A 291 -7.91 -16.21 29.43
C GLN A 291 -7.76 -15.05 30.43
N ASN A 292 -6.67 -14.29 30.30
CA ASN A 292 -6.40 -13.14 31.19
C ASN A 292 -7.42 -12.02 31.00
N LEU A 293 -7.77 -11.74 29.75
CA LEU A 293 -8.86 -10.78 29.48
C LEU A 293 -10.17 -11.20 30.18
N ILE A 294 -10.56 -12.48 30.09
CA ILE A 294 -11.86 -12.94 30.66
C ILE A 294 -11.80 -12.62 32.16
N GLU A 295 -10.66 -12.91 32.78
CA GLU A 295 -10.45 -12.70 34.23
C GLU A 295 -10.56 -11.20 34.54
N GLY A 296 -9.87 -10.34 33.79
CA GLY A 296 -9.87 -8.90 34.06
C GLY A 296 -11.29 -8.36 33.89
N PHE A 297 -12.04 -8.85 32.90
CA PHE A 297 -13.44 -8.36 32.68
C PHE A 297 -14.35 -8.86 33.82
N GLU A 298 -14.27 -10.15 34.13
CA GLU A 298 -15.08 -10.78 35.19
C GLU A 298 -14.82 -10.02 36.50
N ALA A 299 -13.57 -9.62 36.77
CA ALA A 299 -13.19 -8.82 37.96
C ALA A 299 -13.97 -7.49 37.97
N LEU A 300 -14.06 -6.88 36.80
CA LEU A 300 -14.65 -5.55 36.63
C LEU A 300 -16.18 -5.66 36.72
N LEU A 301 -16.74 -6.85 36.44
CA LEU A 301 -18.20 -7.09 36.46
C LEU A 301 -18.75 -7.44 37.85
N LYS A 302 -17.91 -7.81 38.82
CA LYS A 302 -18.37 -8.37 40.12
C LYS A 302 -18.96 -7.25 40.99
N VAL B 13 11.94 44.06 -24.96
CA VAL B 13 11.45 42.64 -24.99
C VAL B 13 12.24 41.86 -23.93
N ASP B 14 11.53 40.96 -23.25
CA ASP B 14 12.13 39.93 -22.37
C ASP B 14 12.12 38.62 -23.16
N PRO B 15 13.31 38.07 -23.53
CA PRO B 15 13.37 36.84 -24.32
C PRO B 15 12.91 35.60 -23.55
N THR B 16 12.64 35.73 -22.24
CA THR B 16 12.12 34.64 -21.40
C THR B 16 10.61 34.78 -21.23
N HIS B 17 9.98 35.77 -21.86
CA HIS B 17 8.52 35.97 -21.76
C HIS B 17 7.90 35.47 -23.08
N PHE B 18 7.20 34.37 -23.03
CA PHE B 18 6.49 33.76 -24.18
C PHE B 18 5.03 34.22 -24.12
N GLU B 19 4.62 34.94 -25.13
CA GLU B 19 3.21 35.38 -25.30
C GLU B 19 2.35 34.18 -25.69
N LYS B 20 1.28 33.94 -24.93
CA LYS B 20 0.26 32.90 -25.20
C LYS B 20 -0.13 32.93 -26.68
N ARG B 21 -0.39 34.08 -27.27
CA ARG B 21 -1.00 34.13 -28.62
C ARG B 21 -0.09 33.48 -29.66
N PHE B 22 1.22 33.36 -29.41
CA PHE B 22 2.20 32.85 -30.43
C PHE B 22 2.67 31.44 -30.10
N LEU B 23 2.21 30.86 -29.00
CA LEU B 23 2.60 29.51 -28.55
C LEU B 23 1.62 28.46 -29.08
N LYS B 24 1.97 27.79 -30.16
CA LYS B 24 1.04 26.93 -30.92
C LYS B 24 1.34 25.48 -30.50
N ARG B 25 0.35 24.84 -29.92
CA ARG B 25 0.35 23.39 -29.56
C ARG B 25 0.69 22.59 -30.82
N ILE B 26 1.66 21.68 -30.73
CA ILE B 26 1.87 20.62 -31.79
C ILE B 26 1.32 19.29 -31.27
N ARG B 27 1.63 18.86 -30.05
CA ARG B 27 1.17 17.55 -29.54
C ARG B 27 1.64 17.35 -28.09
N ASP B 28 1.14 16.31 -27.40
CA ASP B 28 1.60 15.94 -26.04
C ASP B 28 2.93 15.17 -26.09
N LEU B 29 3.84 15.48 -25.17
CA LEU B 29 5.06 14.68 -24.82
C LEU B 29 4.84 13.78 -23.61
N GLY B 30 4.02 14.19 -22.64
CA GLY B 30 3.74 13.36 -21.45
C GLY B 30 2.56 13.89 -20.65
N GLU B 31 2.08 13.10 -19.71
CA GLU B 31 1.20 13.65 -18.63
C GLU B 31 1.61 13.10 -17.26
N GLY B 32 1.25 13.83 -16.23
CA GLY B 32 1.24 13.40 -14.82
C GLY B 32 -0.15 13.59 -14.27
N HIS B 33 -0.33 13.49 -12.95
CA HIS B 33 -1.65 13.49 -12.27
C HIS B 33 -2.26 14.89 -12.26
N PHE B 34 -1.39 15.91 -12.24
CA PHE B 34 -1.77 17.32 -12.03
C PHE B 34 -1.53 18.09 -13.35
N GLY B 35 -0.85 17.52 -14.36
CA GLY B 35 -0.74 18.25 -15.62
C GLY B 35 0.03 17.52 -16.70
N LYS B 36 0.61 18.28 -17.63
CA LYS B 36 1.19 17.67 -18.84
C LYS B 36 2.33 18.48 -19.41
N VAL B 37 3.00 17.86 -20.36
CA VAL B 37 4.10 18.51 -21.12
C VAL B 37 3.81 18.35 -22.61
N GLU B 38 3.74 19.49 -23.29
CA GLU B 38 3.31 19.62 -24.71
C GLU B 38 4.48 20.16 -25.54
N LEU B 39 4.59 19.66 -26.77
CA LEU B 39 5.41 20.24 -27.84
C LEU B 39 4.61 21.39 -28.43
N CYS B 40 5.17 22.58 -28.38
CA CYS B 40 4.61 23.75 -29.07
C CYS B 40 5.68 24.36 -29.99
N ARG B 41 5.24 25.14 -30.96
CA ARG B 41 6.15 26.04 -31.69
C ARG B 41 5.83 27.45 -31.18
N TYR B 42 6.84 28.17 -30.69
CA TYR B 42 6.65 29.61 -30.44
C TYR B 42 6.78 30.33 -31.78
N ASP B 43 5.68 30.81 -32.41
CA ASP B 43 5.72 31.19 -33.83
C ASP B 43 5.29 32.64 -33.98
N PRO B 44 6.01 33.62 -33.40
CA PRO B 44 5.59 35.02 -33.46
C PRO B 44 5.38 35.49 -34.91
N GLU B 45 6.12 34.93 -35.87
CA GLU B 45 5.99 35.38 -37.29
C GLU B 45 4.91 34.59 -38.04
N GLY B 46 4.29 33.56 -37.44
CA GLY B 46 3.09 32.93 -38.02
C GLY B 46 3.38 32.15 -39.30
N ASP B 47 4.61 31.72 -39.55
CA ASP B 47 4.95 30.97 -40.80
C ASP B 47 5.52 29.57 -40.49
N ASN B 48 5.34 29.05 -39.28
CA ASN B 48 5.82 27.70 -38.89
C ASN B 48 7.34 27.75 -38.81
N THR B 49 7.98 28.92 -38.64
CA THR B 49 9.48 28.90 -38.58
C THR B 49 9.99 29.10 -37.15
N GLY B 50 9.12 29.43 -36.19
CA GLY B 50 9.54 29.66 -34.80
C GLY B 50 10.14 28.43 -34.18
N GLU B 51 10.80 28.60 -33.05
CA GLU B 51 11.45 27.43 -32.41
C GLU B 51 10.38 26.53 -31.73
N GLN B 52 10.68 25.22 -31.74
CA GLN B 52 9.92 24.18 -31.02
C GLN B 52 10.38 24.24 -29.55
N VAL B 53 9.43 24.22 -28.61
CA VAL B 53 9.74 24.23 -27.17
C VAL B 53 8.87 23.17 -26.46
N ALA B 54 9.29 22.74 -25.28
CA ALA B 54 8.51 21.87 -24.38
C ALA B 54 7.84 22.77 -23.35
N VAL B 55 6.56 22.57 -23.07
CA VAL B 55 5.72 23.47 -22.26
C VAL B 55 5.03 22.62 -21.20
N LYS B 56 5.34 22.88 -19.94
CA LYS B 56 4.72 22.20 -18.81
C LYS B 56 3.61 23.08 -18.28
N SER B 57 2.46 22.50 -18.08
CA SER B 57 1.31 23.29 -17.62
C SER B 57 0.42 22.41 -16.76
N LEU B 58 -0.40 23.07 -15.96
CA LEU B 58 -1.27 22.34 -15.00
C LEU B 58 -2.66 22.20 -15.63
N LYS B 59 -3.32 21.07 -15.36
CA LYS B 59 -4.79 20.89 -15.49
C LYS B 59 -5.49 21.90 -14.58
N PRO B 60 -6.58 22.55 -15.03
CA PRO B 60 -7.55 23.14 -14.10
C PRO B 60 -8.37 22.06 -13.37
N HIS B 66 -0.74 23.17 -6.11
CA HIS B 66 0.02 22.77 -7.33
C HIS B 66 0.62 24.00 -8.03
N ILE B 67 -0.16 25.02 -8.31
CA ILE B 67 0.38 26.26 -8.96
C ILE B 67 1.58 26.75 -8.14
N ALA B 68 1.45 26.79 -6.82
CA ALA B 68 2.58 27.12 -5.90
C ALA B 68 3.78 26.23 -6.17
N ASP B 69 3.56 24.92 -6.30
CA ASP B 69 4.67 23.96 -6.53
C ASP B 69 5.34 24.25 -7.88
N LEU B 70 4.55 24.47 -8.94
CA LEU B 70 5.11 24.73 -10.29
C LEU B 70 5.97 26.00 -10.25
N LYS B 71 5.52 27.02 -9.49
CA LYS B 71 6.24 28.30 -9.39
C LYS B 71 7.61 28.07 -8.75
N LYS B 72 7.72 27.19 -7.76
CA LYS B 72 9.01 26.88 -7.10
C LYS B 72 9.89 26.07 -8.05
N GLU B 73 9.28 25.17 -8.81
CA GLU B 73 9.96 24.32 -9.82
C GLU B 73 10.59 25.22 -10.87
N ILE B 74 9.84 26.21 -11.37
CA ILE B 74 10.31 27.19 -12.38
C ILE B 74 11.50 27.94 -11.79
N GLU B 75 11.41 28.38 -10.56
CA GLU B 75 12.47 29.20 -9.90
C GLU B 75 13.73 28.31 -9.75
N ILE B 76 13.58 27.01 -9.45
CA ILE B 76 14.73 26.07 -9.34
C ILE B 76 15.38 25.94 -10.72
N LEU B 77 14.58 25.64 -11.74
CA LEU B 77 15.14 25.31 -13.08
C LEU B 77 15.77 26.57 -13.70
N ARG B 78 15.17 27.73 -13.48
CA ARG B 78 15.66 29.03 -14.05
C ARG B 78 17.13 29.25 -13.66
N ASN B 79 17.48 28.77 -12.47
CA ASN B 79 18.76 29.08 -11.81
C ASN B 79 19.68 27.87 -11.90
N LEU B 80 19.31 26.81 -12.61
CA LEU B 80 20.22 25.67 -12.83
C LEU B 80 20.89 25.84 -14.19
N TYR B 81 22.22 25.82 -14.20
CA TYR B 81 23.05 26.00 -15.41
C TYR B 81 24.03 24.84 -15.53
N HIS B 82 23.76 23.81 -16.33
CA HIS B 82 24.70 22.65 -16.38
C HIS B 82 24.48 21.96 -17.70
N GLU B 83 25.51 21.43 -18.34
CA GLU B 83 25.31 20.90 -19.70
C GLU B 83 24.44 19.64 -19.64
N ASN B 84 24.29 19.02 -18.47
CA ASN B 84 23.44 17.80 -18.31
C ASN B 84 22.16 18.12 -17.51
N ILE B 85 21.72 19.37 -17.52
CA ILE B 85 20.36 19.79 -17.07
C ILE B 85 19.65 20.47 -18.23
N VAL B 86 18.42 20.04 -18.51
CA VAL B 86 17.57 20.66 -19.60
C VAL B 86 17.46 22.16 -19.35
N LYS B 87 17.50 22.90 -20.44
CA LYS B 87 17.56 24.37 -20.37
C LYS B 87 16.15 24.91 -20.15
N TYR B 88 16.00 25.75 -19.13
CA TYR B 88 14.93 26.78 -18.98
C TYR B 88 15.01 27.75 -20.15
N LYS B 89 13.89 27.99 -20.83
CA LYS B 89 13.79 29.09 -21.83
C LYS B 89 12.95 30.22 -21.29
N GLY B 90 11.91 29.94 -20.51
CA GLY B 90 11.08 31.04 -19.98
C GLY B 90 9.72 30.61 -19.48
N ILE B 91 8.80 31.57 -19.41
CA ILE B 91 7.41 31.35 -18.94
C ILE B 91 6.40 32.01 -19.88
N CYS B 92 5.18 31.51 -19.75
CA CYS B 92 3.92 32.04 -20.33
C CYS B 92 2.95 32.25 -19.15
N THR B 93 2.49 33.48 -18.91
CA THR B 93 1.74 33.82 -17.67
C THR B 93 0.28 34.17 -17.98
N GLU B 94 -0.65 33.72 -17.12
CA GLU B 94 -2.07 34.19 -17.07
C GLU B 94 -2.59 34.09 -15.63
N GLY B 99 -2.12 31.65 -13.15
CA GLY B 99 -1.72 30.45 -13.94
C GLY B 99 -0.49 30.72 -14.80
N ILE B 100 0.40 29.75 -14.94
CA ILE B 100 1.75 29.95 -15.53
C ILE B 100 2.13 28.66 -16.27
N LYS B 101 2.96 28.79 -17.32
CA LYS B 101 3.46 27.62 -18.09
C LYS B 101 5.00 27.71 -18.07
N LEU B 102 5.69 26.61 -17.83
CA LEU B 102 7.18 26.53 -17.85
C LEU B 102 7.65 26.16 -19.25
N ILE B 103 8.40 27.01 -19.93
CA ILE B 103 8.91 26.78 -21.30
C ILE B 103 10.34 26.26 -21.17
N MET B 104 10.67 25.18 -21.85
CA MET B 104 11.96 24.48 -21.76
C MET B 104 12.45 24.18 -23.16
N GLU B 105 13.70 23.92 -23.35
CA GLU B 105 14.19 23.40 -24.67
C GLU B 105 13.52 22.06 -25.01
N PHE B 106 13.29 21.81 -26.30
CA PHE B 106 12.71 20.56 -26.80
C PHE B 106 13.87 19.67 -27.25
N LEU B 107 13.92 18.43 -26.72
CA LEU B 107 14.92 17.39 -27.10
C LEU B 107 14.22 16.25 -27.85
N PRO B 108 14.14 16.35 -29.20
CA PRO B 108 13.23 15.50 -29.99
C PRO B 108 13.47 14.00 -29.86
N SER B 109 14.66 13.59 -29.34
CA SER B 109 14.92 12.14 -29.13
C SER B 109 14.16 11.65 -27.91
N GLY B 110 13.61 12.50 -27.06
CA GLY B 110 12.85 12.04 -25.92
C GLY B 110 13.68 11.53 -24.79
N SER B 111 13.07 10.67 -23.95
CA SER B 111 13.81 10.11 -22.79
C SER B 111 14.56 8.84 -23.18
N LEU B 112 15.49 8.44 -22.30
CA LEU B 112 16.13 7.12 -22.40
C LEU B 112 15.11 5.98 -22.53
N LYS B 113 13.96 6.08 -21.91
CA LYS B 113 12.93 5.00 -21.90
C LYS B 113 12.43 4.83 -23.37
N GLU B 114 12.32 5.92 -24.16
CA GLU B 114 11.91 5.80 -25.60
C GLU B 114 13.11 5.55 -26.54
N TYR B 115 14.25 6.16 -26.28
CA TYR B 115 15.42 6.17 -27.19
C TYR B 115 16.16 4.87 -27.09
N LEU B 116 16.38 4.35 -25.87
CA LEU B 116 17.29 3.19 -25.77
C LEU B 116 16.70 2.00 -26.53
N PRO B 117 15.41 1.68 -26.40
CA PRO B 117 14.89 0.47 -27.04
C PRO B 117 15.11 0.51 -28.56
N LYS B 118 15.12 1.69 -29.17
CA LYS B 118 15.17 1.87 -30.65
C LYS B 118 16.62 1.98 -31.13
N ASN B 119 17.63 2.02 -30.26
CA ASN B 119 19.01 2.42 -30.68
C ASN B 119 20.04 1.53 -29.99
N LYS B 120 19.62 0.36 -29.51
CA LYS B 120 20.53 -0.66 -28.95
C LYS B 120 21.76 -0.82 -29.89
N ASN B 121 21.59 -0.83 -31.21
CA ASN B 121 22.70 -1.11 -32.16
C ASN B 121 23.75 0.01 -32.14
N LYS B 122 23.36 1.24 -31.85
CA LYS B 122 24.25 2.45 -31.77
C LYS B 122 24.93 2.63 -30.39
N ILE B 123 24.28 2.16 -29.31
CA ILE B 123 24.61 2.54 -27.91
C ILE B 123 25.19 1.31 -27.26
N ASN B 124 26.50 1.24 -27.22
CA ASN B 124 27.23 0.08 -26.68
C ASN B 124 27.57 0.39 -25.22
N LEU B 125 28.34 -0.45 -24.57
CA LEU B 125 28.54 -0.33 -23.09
C LEU B 125 29.31 0.99 -22.78
N LYS B 126 30.38 1.23 -23.51
CA LYS B 126 31.11 2.50 -23.43
C LYS B 126 30.12 3.69 -23.43
N GLN B 127 29.19 3.80 -24.37
CA GLN B 127 28.29 4.97 -24.46
C GLN B 127 27.37 4.93 -23.23
N GLN B 128 27.02 3.74 -22.72
CA GLN B 128 26.15 3.63 -21.51
C GLN B 128 26.88 4.19 -20.32
N LEU B 129 28.16 3.94 -20.23
CA LEU B 129 28.92 4.43 -19.06
C LEU B 129 29.11 5.93 -19.18
N LYS B 130 29.20 6.46 -20.40
CA LYS B 130 29.34 7.93 -20.56
C LYS B 130 28.02 8.61 -20.20
N TYR B 131 26.86 8.04 -20.59
CA TYR B 131 25.55 8.57 -20.13
C TYR B 131 25.56 8.49 -18.60
N ALA B 132 26.12 7.43 -18.00
CA ALA B 132 26.00 7.26 -16.51
C ALA B 132 26.77 8.45 -15.86
N VAL B 133 27.99 8.69 -16.29
CA VAL B 133 28.82 9.81 -15.85
C VAL B 133 28.04 11.12 -15.97
N GLN B 134 27.41 11.39 -17.12
CA GLN B 134 26.69 12.66 -17.36
C GLN B 134 25.50 12.83 -16.39
N ILE B 135 24.71 11.80 -16.22
CA ILE B 135 23.64 11.78 -15.17
C ILE B 135 24.26 12.07 -13.81
N CYS B 136 25.32 11.40 -13.43
CA CYS B 136 26.02 11.73 -12.13
C CYS B 136 26.49 13.20 -12.05
N LYS B 137 27.01 13.76 -13.13
CA LYS B 137 27.47 15.18 -13.13
C LYS B 137 26.29 16.12 -12.95
N GLY B 138 25.17 15.86 -13.61
CA GLY B 138 23.96 16.65 -13.42
C GLY B 138 23.50 16.58 -11.97
N MET B 139 23.40 15.36 -11.44
CA MET B 139 22.87 15.04 -10.11
C MET B 139 23.79 15.65 -9.07
N ASP B 140 25.10 15.59 -9.29
CA ASP B 140 26.07 16.18 -8.33
C ASP B 140 25.95 17.71 -8.30
N TYR B 141 25.72 18.33 -9.46
CA TYR B 141 25.44 19.78 -9.54
C TYR B 141 24.20 20.14 -8.70
N LEU B 142 23.14 19.35 -8.89
CA LEU B 142 21.85 19.56 -8.20
C LEU B 142 22.11 19.44 -6.68
N GLY B 143 22.72 18.35 -6.22
CA GLY B 143 23.14 18.16 -4.82
C GLY B 143 23.94 19.35 -4.29
N SER B 144 24.85 19.92 -5.09
CA SER B 144 25.78 20.99 -4.64
C SER B 144 24.99 22.29 -4.41
N ARG B 145 23.86 22.42 -5.09
CA ARG B 145 22.91 23.55 -4.94
C ARG B 145 21.95 23.26 -3.76
N GLN B 146 22.16 22.17 -3.02
CA GLN B 146 21.36 21.73 -1.83
C GLN B 146 19.92 21.39 -2.28
N TYR B 147 19.77 20.67 -3.41
CA TYR B 147 18.47 20.10 -3.87
C TYR B 147 18.51 18.57 -3.85
N VAL B 148 17.35 17.98 -3.54
CA VAL B 148 17.09 16.52 -3.66
C VAL B 148 16.03 16.37 -4.78
N HIS B 149 16.31 15.50 -5.75
CA HIS B 149 15.49 15.37 -6.98
C HIS B 149 14.19 14.58 -6.70
N ARG B 150 14.33 13.44 -6.01
CA ARG B 150 13.26 12.51 -5.59
C ARG B 150 12.53 11.82 -6.77
N ASP B 151 13.03 11.86 -8.01
CA ASP B 151 12.29 11.25 -9.13
C ASP B 151 13.28 10.82 -10.21
N LEU B 152 14.48 10.42 -9.80
CA LEU B 152 15.53 10.10 -10.81
C LEU B 152 15.17 8.71 -11.40
N ALA B 153 14.97 8.64 -12.70
CA ALA B 153 14.57 7.43 -13.47
C ALA B 153 14.73 7.76 -14.96
N ALA B 154 14.92 6.71 -15.77
CA ALA B 154 15.24 6.81 -17.19
C ALA B 154 14.23 7.73 -17.87
N ARG B 155 13.00 7.72 -17.46
CA ARG B 155 11.93 8.48 -18.16
C ARG B 155 12.17 9.99 -17.98
N ASN B 156 13.06 10.39 -17.08
CA ASN B 156 13.34 11.82 -16.70
C ASN B 156 14.74 12.23 -17.20
N VAL B 157 15.32 11.33 -17.99
CA VAL B 157 16.63 11.62 -18.59
C VAL B 157 16.43 11.75 -20.10
N LEU B 158 16.70 12.95 -20.60
CA LEU B 158 16.55 13.27 -22.01
C LEU B 158 17.85 13.08 -22.77
N VAL B 159 17.68 12.67 -24.02
CA VAL B 159 18.78 12.45 -25.00
C VAL B 159 18.87 13.70 -25.88
N GLU B 160 19.89 14.51 -25.66
CA GLU B 160 20.26 15.66 -26.51
C GLU B 160 20.82 15.15 -27.85
N SER B 161 21.58 14.06 -27.81
CA SER B 161 22.30 13.44 -28.96
C SER B 161 22.78 12.06 -28.55
N GLU B 162 23.28 11.34 -29.53
CA GLU B 162 23.99 10.08 -29.26
C GLU B 162 25.06 10.22 -28.15
N HIS B 163 25.67 11.39 -27.98
CA HIS B 163 26.81 11.56 -27.08
C HIS B 163 26.40 12.29 -25.79
N GLN B 164 25.18 12.73 -25.62
CA GLN B 164 24.82 13.61 -24.46
C GLN B 164 23.39 13.39 -23.97
N VAL B 165 23.25 13.32 -22.66
CA VAL B 165 21.93 13.27 -21.99
C VAL B 165 21.76 14.51 -21.11
N LYS B 166 20.56 14.71 -20.67
CA LYS B 166 20.24 15.81 -19.71
C LYS B 166 19.12 15.36 -18.78
N ILE B 167 19.22 15.61 -17.49
CA ILE B 167 18.03 15.46 -16.59
C ILE B 167 16.96 16.44 -17.08
N GLY B 168 15.75 15.98 -17.33
CA GLY B 168 14.75 16.76 -18.12
C GLY B 168 13.48 17.09 -17.38
N ASP B 169 13.36 16.83 -16.07
CA ASP B 169 12.16 17.12 -15.24
C ASP B 169 12.52 17.27 -13.77
N PHE B 170 11.97 18.30 -13.08
CA PHE B 170 12.26 18.64 -11.68
C PHE B 170 10.98 18.83 -10.91
N GLY B 171 9.92 18.16 -11.31
CA GLY B 171 8.58 18.21 -10.70
C GLY B 171 8.56 17.84 -9.24
N LEU B 172 9.44 16.94 -8.75
CA LEU B 172 9.46 16.64 -7.28
C LEU B 172 10.70 17.20 -6.55
N THR B 173 11.56 17.97 -7.20
CA THR B 173 12.80 18.50 -6.61
C THR B 173 12.50 19.49 -5.46
N LYS B 174 13.22 19.36 -4.33
CA LYS B 174 13.01 20.09 -3.07
C LYS B 174 14.34 20.62 -2.56
N ALA B 175 14.32 21.78 -1.91
CA ALA B 175 15.52 22.34 -1.24
C ALA B 175 15.76 21.52 0.04
N ILE B 176 16.98 21.07 0.33
CA ILE B 176 17.36 20.74 1.73
C ILE B 176 17.70 22.09 2.39
N GLU B 177 17.29 22.29 3.64
CA GLU B 177 17.68 23.50 4.41
C GLU B 177 19.15 23.34 4.86
N THR B 178 19.89 24.46 4.97
CA THR B 178 21.27 24.43 5.56
C THR B 178 21.08 23.70 6.90
N ASP B 179 21.95 22.72 7.19
CA ASP B 179 22.09 22.06 8.53
C ASP B 179 21.00 20.98 8.75
N LYS B 180 20.19 20.65 7.74
CA LYS B 180 19.50 19.32 7.66
C LYS B 180 20.20 18.53 6.56
N GLU B 181 20.10 17.21 6.59
CA GLU B 181 20.65 16.35 5.51
C GLU B 181 19.51 15.80 4.64
N PTR B 182 18.27 16.11 5.03
CA PTR B 182 17.14 15.52 4.35
C PTR B 182 15.93 16.43 4.41
O PTR B 182 15.84 17.30 5.29
CB PTR B 182 16.82 14.15 4.92
CG PTR B 182 16.24 14.14 6.32
CD1 PTR B 182 17.04 13.84 7.41
CD2 PTR B 182 14.91 14.43 6.53
CE1 PTR B 182 16.52 13.84 8.69
CE2 PTR B 182 14.37 14.46 7.81
CZ PTR B 182 15.18 14.15 8.87
OH PTR B 182 14.56 14.14 10.11
P PTR B 182 15.18 14.68 11.45
O1P PTR B 182 15.45 16.16 11.27
O2P PTR B 182 16.47 13.88 11.67
O3P PTR B 182 14.16 14.42 12.52
N PTR B 183 15.04 16.19 3.46
CA PTR B 183 13.73 16.83 3.36
C PTR B 183 12.65 15.79 3.61
O PTR B 183 12.70 14.70 3.05
CB PTR B 183 13.58 17.42 1.95
CG PTR B 183 12.19 17.91 1.68
CD1 PTR B 183 11.23 17.07 1.12
CD2 PTR B 183 11.83 19.20 1.99
CE1 PTR B 183 9.94 17.52 0.86
CE2 PTR B 183 10.55 19.67 1.76
CZ PTR B 183 9.61 18.82 1.19
OH PTR B 183 8.30 19.29 0.98
P PTR B 183 7.76 20.75 1.43
O1P PTR B 183 8.48 21.75 0.52
O2P PTR B 183 8.09 21.03 2.87
O3P PTR B 183 6.26 20.82 1.23
N THR B 184 11.66 16.12 4.46
CA THR B 184 10.59 15.19 4.79
C THR B 184 9.37 15.42 3.88
N VAL B 185 8.82 14.36 3.26
CA VAL B 185 7.66 14.44 2.32
C VAL B 185 6.36 14.02 3.02
N LYS B 186 5.23 14.54 2.53
CA LYS B 186 3.86 14.14 2.95
C LYS B 186 3.00 13.86 1.71
N ASP B 187 3.15 14.65 0.64
CA ASP B 187 2.33 14.65 -0.60
C ASP B 187 2.12 13.21 -1.08
N ASP B 188 0.89 12.93 -1.54
CA ASP B 188 0.08 11.70 -1.23
C ASP B 188 0.40 10.54 -2.20
N ARG B 189 1.67 10.45 -2.59
CA ARG B 189 2.37 9.27 -3.19
C ARG B 189 1.53 8.62 -4.28
N ASP B 190 1.55 9.31 -5.39
CA ASP B 190 1.88 8.73 -6.71
C ASP B 190 3.40 8.58 -6.74
N SER B 191 4.06 8.03 -5.71
CA SER B 191 5.54 7.97 -5.64
C SER B 191 6.10 6.71 -6.31
N PRO B 192 7.24 6.85 -7.04
CA PRO B 192 7.89 5.76 -7.77
C PRO B 192 8.66 4.84 -6.82
N VAL B 193 7.91 4.00 -6.11
CA VAL B 193 8.41 3.20 -4.95
C VAL B 193 9.53 2.26 -5.39
N PHE B 194 9.57 1.83 -6.66
CA PHE B 194 10.57 0.83 -7.14
C PHE B 194 11.92 1.52 -7.40
N TRP B 195 11.98 2.83 -7.23
CA TRP B 195 13.19 3.67 -7.38
C TRP B 195 13.64 4.24 -6.03
N TYR B 196 12.96 3.91 -4.90
CA TYR B 196 13.13 4.67 -3.64
C TYR B 196 13.89 3.89 -2.55
N ALA B 197 14.86 4.61 -1.98
CA ALA B 197 15.74 4.14 -0.88
C ALA B 197 14.86 3.80 0.33
N PRO B 198 15.19 2.74 1.08
CA PRO B 198 14.34 2.32 2.20
C PRO B 198 13.93 3.41 3.23
N GLU B 199 14.80 4.40 3.48
CA GLU B 199 14.51 5.54 4.42
C GLU B 199 13.45 6.43 3.76
N CYS B 200 13.35 6.43 2.42
CA CYS B 200 12.25 7.13 1.70
C CYS B 200 10.96 6.33 1.89
N LEU B 201 11.03 5.02 1.71
CA LEU B 201 9.87 4.11 1.86
C LEU B 201 9.43 4.05 3.32
N MET B 202 10.37 4.05 4.27
CA MET B 202 10.05 3.77 5.70
C MET B 202 9.71 5.06 6.47
N GLN B 203 10.37 6.18 6.20
CA GLN B 203 10.28 7.43 7.01
C GLN B 203 10.04 8.70 6.15
N SER B 204 9.76 8.61 4.85
CA SER B 204 9.48 9.79 3.97
C SER B 204 10.62 10.82 4.05
N LYS B 205 11.82 10.36 4.40
CA LYS B 205 13.03 11.21 4.49
C LYS B 205 13.77 11.08 3.16
N PHE B 206 14.19 12.22 2.62
CA PHE B 206 14.94 12.31 1.34
C PHE B 206 16.25 13.03 1.57
N TYR B 207 17.32 12.25 1.37
CA TYR B 207 18.72 12.68 1.43
C TYR B 207 19.25 12.77 0.01
N ILE B 208 20.39 13.42 -0.14
CA ILE B 208 21.20 13.33 -1.39
C ILE B 208 21.45 11.82 -1.66
N ALA B 209 21.83 11.03 -0.63
CA ALA B 209 22.06 9.57 -0.72
C ALA B 209 20.85 8.82 -1.29
N SER B 210 19.64 9.33 -1.05
CA SER B 210 18.38 8.79 -1.61
C SER B 210 18.39 8.89 -3.15
N ASP B 211 18.81 10.02 -3.74
CA ASP B 211 18.95 10.21 -5.21
C ASP B 211 20.06 9.26 -5.67
N VAL B 212 21.06 8.97 -4.81
CA VAL B 212 22.18 8.06 -5.20
C VAL B 212 21.56 6.68 -5.41
N TRP B 213 20.73 6.25 -4.46
CA TRP B 213 19.99 4.98 -4.59
C TRP B 213 19.22 4.95 -5.92
N SER B 214 18.40 5.99 -6.14
CA SER B 214 17.58 6.16 -7.38
C SER B 214 18.48 6.09 -8.58
N PHE B 215 19.68 6.67 -8.52
CA PHE B 215 20.64 6.59 -9.67
C PHE B 215 20.97 5.12 -9.94
N GLY B 216 21.25 4.27 -8.93
CA GLY B 216 21.57 2.84 -9.19
C GLY B 216 20.50 2.13 -10.00
N VAL B 217 19.23 2.44 -9.70
CA VAL B 217 18.05 1.84 -10.39
C VAL B 217 17.99 2.39 -11.82
N THR B 218 18.35 3.66 -12.00
CA THR B 218 18.31 4.33 -13.30
C THR B 218 19.42 3.69 -14.12
N LEU B 219 20.58 3.43 -13.46
CA LEU B 219 21.71 2.80 -14.15
C LEU B 219 21.30 1.39 -14.59
N HIS B 220 20.57 0.69 -13.72
CA HIS B 220 20.04 -0.65 -14.06
C HIS B 220 19.18 -0.52 -15.32
N GLU B 221 18.29 0.45 -15.37
CA GLU B 221 17.41 0.70 -16.58
C GLU B 221 18.26 0.99 -17.82
N LEU B 222 19.30 1.80 -17.67
CA LEU B 222 20.12 2.17 -18.86
C LEU B 222 20.76 0.89 -19.44
N LEU B 223 21.27 0.02 -18.56
CA LEU B 223 22.02 -1.20 -18.94
C LEU B 223 21.07 -2.26 -19.55
N THR B 224 19.76 -2.21 -19.25
CA THR B 224 18.68 -3.08 -19.84
C THR B 224 18.05 -2.41 -21.08
N TYR B 225 18.59 -1.24 -21.48
CA TYR B 225 18.05 -0.45 -22.63
C TYR B 225 16.56 -0.18 -22.41
N CYS B 226 16.24 0.02 -21.13
CA CYS B 226 14.89 0.31 -20.58
C CYS B 226 13.89 -0.66 -21.21
N ASP B 227 14.22 -1.94 -21.36
CA ASP B 227 13.14 -2.87 -21.78
C ASP B 227 12.09 -3.03 -20.66
N SER B 228 10.82 -3.02 -21.05
CA SER B 228 9.62 -3.18 -20.19
C SER B 228 9.74 -4.40 -19.28
N ASP B 229 10.12 -5.56 -19.82
CA ASP B 229 10.08 -6.86 -19.09
C ASP B 229 11.21 -6.99 -18.05
N SER B 230 12.21 -6.10 -18.09
CA SER B 230 13.35 -6.02 -17.15
C SER B 230 13.30 -4.69 -16.37
N SER B 231 12.17 -4.01 -16.35
CA SER B 231 12.06 -2.75 -15.58
C SER B 231 12.18 -3.07 -14.09
N PRO B 232 12.70 -2.12 -13.32
CA PRO B 232 12.83 -2.28 -11.87
C PRO B 232 11.51 -2.71 -11.22
N MET B 233 10.38 -2.21 -11.71
CA MET B 233 9.03 -2.59 -11.25
C MET B 233 8.77 -4.06 -11.59
N ALA B 234 8.79 -4.41 -12.87
CA ALA B 234 8.56 -5.80 -13.32
C ALA B 234 9.40 -6.73 -12.45
N LEU B 235 10.69 -6.43 -12.33
CA LEU B 235 11.65 -7.32 -11.65
C LEU B 235 11.35 -7.36 -10.16
N PHE B 236 11.15 -6.22 -9.50
CA PHE B 236 10.81 -6.20 -8.05
C PHE B 236 9.52 -7.00 -7.80
N LEU B 237 8.52 -6.89 -8.69
CA LEU B 237 7.21 -7.57 -8.54
C LEU B 237 7.42 -9.08 -8.61
N LYS B 238 8.37 -9.55 -9.44
CA LYS B 238 8.79 -10.97 -9.49
C LYS B 238 9.34 -11.39 -8.11
N MET B 239 10.11 -10.49 -7.48
CA MET B 239 10.87 -10.73 -6.20
C MET B 239 9.95 -10.87 -4.98
N ILE B 240 8.78 -10.21 -4.93
CA ILE B 240 7.89 -10.24 -3.73
C ILE B 240 6.44 -10.67 -4.05
N GLY B 241 6.02 -10.60 -5.31
CA GLY B 241 4.68 -11.02 -5.77
C GLY B 241 3.90 -9.85 -6.38
N PRO B 242 3.24 -10.02 -7.55
CA PRO B 242 2.51 -8.93 -8.17
C PRO B 242 1.15 -8.69 -7.51
N THR B 243 0.77 -9.57 -6.59
CA THR B 243 -0.58 -9.70 -5.98
C THR B 243 -0.71 -8.60 -4.91
N HIS B 244 -0.94 -8.91 -3.64
CA HIS B 244 -0.57 -8.01 -2.51
C HIS B 244 -1.39 -6.70 -2.44
N GLY B 245 -1.22 -5.76 -3.37
CA GLY B 245 -1.98 -4.50 -3.44
C GLY B 245 -1.44 -3.43 -2.49
N GLN B 246 -2.21 -3.11 -1.44
CA GLN B 246 -1.90 -2.12 -0.36
C GLN B 246 -0.72 -2.63 0.60
N MET B 247 -0.36 -3.97 0.39
CA MET B 247 0.85 -4.52 1.08
C MET B 247 2.08 -4.52 0.16
N THR B 248 1.97 -3.94 -1.06
CA THR B 248 3.11 -3.95 -2.03
C THR B 248 4.34 -3.43 -1.26
N VAL B 249 4.24 -2.15 -0.76
CA VAL B 249 5.44 -1.45 -0.21
C VAL B 249 6.01 -2.17 1.03
N THR B 250 5.21 -2.74 1.95
CA THR B 250 5.77 -3.32 3.21
C THR B 250 6.64 -4.66 2.95
N ARG B 251 6.18 -5.31 1.86
CA ARG B 251 6.89 -6.47 1.21
C ARG B 251 8.23 -6.02 0.58
N LEU B 252 8.23 -4.89 -0.17
CA LEU B 252 9.46 -4.30 -0.81
C LEU B 252 10.49 -4.07 0.33
N VAL B 253 10.06 -3.22 1.32
CA VAL B 253 10.98 -2.80 2.43
C VAL B 253 11.54 -4.03 3.19
N ASN B 254 10.63 -5.05 3.25
CA ASN B 254 10.97 -6.45 3.64
C ASN B 254 12.17 -6.98 2.83
N THR B 255 12.05 -7.13 1.51
CA THR B 255 13.13 -7.76 0.68
C THR B 255 14.38 -6.86 0.67
N LEU B 256 14.28 -5.52 0.68
CA LEU B 256 15.47 -4.65 0.80
C LEU B 256 16.14 -4.92 2.15
N LYS B 257 15.37 -5.06 3.25
CA LYS B 257 15.91 -5.34 4.62
C LYS B 257 16.65 -6.72 4.70
N GLU B 258 16.17 -7.73 3.88
CA GLU B 258 16.82 -9.07 3.79
C GLU B 258 18.05 -9.03 2.87
N GLY B 259 18.50 -7.86 2.40
CA GLY B 259 19.77 -7.71 1.66
C GLY B 259 19.62 -7.83 0.13
N LYS B 260 18.40 -8.18 -0.33
CA LYS B 260 18.03 -8.52 -1.75
C LYS B 260 18.01 -7.24 -2.62
N ARG B 261 18.56 -7.32 -3.83
CA ARG B 261 18.71 -6.19 -4.76
C ARG B 261 18.35 -6.64 -6.17
N LEU B 262 18.11 -5.70 -7.10
CA LEU B 262 17.96 -6.07 -8.53
C LEU B 262 19.21 -6.82 -8.98
N PRO B 263 19.02 -7.79 -9.89
CA PRO B 263 20.07 -8.71 -10.29
C PRO B 263 20.96 -7.96 -11.30
N CYS B 264 22.09 -8.53 -11.67
CA CYS B 264 23.00 -7.96 -12.69
C CYS B 264 22.32 -7.98 -14.05
N PRO B 265 22.17 -6.82 -14.75
CA PRO B 265 21.71 -6.84 -16.12
C PRO B 265 22.47 -7.84 -16.99
N PRO B 266 21.81 -8.35 -18.05
CA PRO B 266 22.47 -9.26 -18.98
C PRO B 266 23.61 -8.49 -19.67
N ASN B 267 24.78 -9.11 -19.74
CA ASN B 267 25.97 -8.54 -20.41
C ASN B 267 26.59 -7.40 -19.61
N CYS B 268 26.17 -7.13 -18.37
CA CYS B 268 26.78 -6.06 -17.54
C CYS B 268 27.98 -6.67 -16.82
N PRO B 269 29.21 -6.16 -17.02
CA PRO B 269 30.37 -6.65 -16.30
C PRO B 269 30.20 -6.50 -14.78
N ASP B 270 30.65 -7.50 -14.02
CA ASP B 270 30.57 -7.46 -12.53
C ASP B 270 31.09 -6.11 -11.98
N GLU B 271 32.15 -5.52 -12.52
CA GLU B 271 32.72 -4.27 -11.93
C GLU B 271 31.77 -3.08 -12.14
N VAL B 272 30.94 -3.09 -13.19
CA VAL B 272 29.90 -2.04 -13.32
C VAL B 272 28.83 -2.36 -12.26
N TYR B 273 28.44 -3.65 -12.17
CA TYR B 273 27.40 -4.13 -11.23
C TYR B 273 27.77 -3.68 -9.82
N GLN B 274 29.05 -3.83 -9.45
CA GLN B 274 29.59 -3.53 -8.09
C GLN B 274 29.48 -2.03 -7.78
N LEU B 275 29.67 -1.15 -8.76
CA LEU B 275 29.37 0.29 -8.57
C LEU B 275 27.88 0.50 -8.35
N MET B 276 27.02 -0.18 -9.08
CA MET B 276 25.56 -0.08 -8.88
C MET B 276 25.24 -0.51 -7.43
N ARG B 277 25.76 -1.64 -6.94
CA ARG B 277 25.50 -2.18 -5.57
C ARG B 277 25.87 -1.14 -4.49
N LYS B 278 26.86 -0.30 -4.76
CA LYS B 278 27.32 0.78 -3.85
C LYS B 278 26.25 1.87 -3.72
N CYS B 279 25.33 1.98 -4.69
CA CYS B 279 24.17 2.91 -4.68
C CYS B 279 23.05 2.40 -3.75
N TRP B 280 23.06 1.10 -3.46
CA TRP B 280 21.98 0.37 -2.75
C TRP B 280 22.40 -0.21 -1.39
N GLU B 281 23.41 0.36 -0.75
CA GLU B 281 23.78 0.08 0.68
C GLU B 281 22.62 0.56 1.57
N PHE B 282 22.07 -0.26 2.46
CA PHE B 282 20.82 0.07 3.20
C PHE B 282 20.91 1.43 3.90
N GLN B 283 22.05 1.78 4.48
CA GLN B 283 22.21 3.02 5.27
C GLN B 283 22.69 4.13 4.33
N PRO B 284 21.93 5.25 4.23
CA PRO B 284 22.32 6.38 3.39
C PRO B 284 23.76 6.88 3.58
N SER B 285 24.23 6.87 4.84
CA SER B 285 25.61 7.27 5.24
C SER B 285 26.65 6.32 4.62
N ASN B 286 26.28 5.06 4.31
CA ASN B 286 27.16 4.01 3.73
C ASN B 286 27.11 3.95 2.19
N ARG B 287 26.40 4.88 1.55
CA ARG B 287 26.26 4.91 0.07
C ARG B 287 27.42 5.67 -0.58
N THR B 288 27.78 5.23 -1.77
CA THR B 288 28.71 5.96 -2.64
C THR B 288 28.13 7.36 -2.89
N SER B 289 29.02 8.29 -3.16
CA SER B 289 28.74 9.68 -3.58
C SER B 289 28.62 9.66 -5.09
N PHE B 290 28.16 10.75 -5.68
CA PHE B 290 28.12 10.90 -7.14
C PHE B 290 29.54 11.05 -7.67
N GLN B 291 30.37 11.80 -6.94
CA GLN B 291 31.80 11.98 -7.32
C GLN B 291 32.53 10.63 -7.43
N ASN B 292 32.37 9.75 -6.46
CA ASN B 292 33.02 8.42 -6.47
C ASN B 292 32.52 7.58 -7.66
N LEU B 293 31.21 7.59 -7.92
CA LEU B 293 30.68 6.98 -9.16
C LEU B 293 31.39 7.58 -10.38
N ILE B 294 31.47 8.91 -10.50
CA ILE B 294 32.08 9.52 -11.70
C ILE B 294 33.49 8.96 -11.82
N GLU B 295 34.23 8.88 -10.70
CA GLU B 295 35.61 8.36 -10.74
C GLU B 295 35.58 6.85 -11.05
N GLY B 296 34.65 6.03 -10.51
CA GLY B 296 34.61 4.57 -10.78
C GLY B 296 34.38 4.28 -12.27
N PHE B 297 33.45 5.02 -12.88
CA PHE B 297 33.09 4.88 -14.31
C PHE B 297 34.23 5.39 -15.21
N GLU B 298 34.85 6.52 -14.87
CA GLU B 298 35.96 7.13 -15.66
C GLU B 298 37.14 6.15 -15.72
N ALA B 299 37.43 5.50 -14.59
CA ALA B 299 38.41 4.41 -14.45
C ALA B 299 38.06 3.28 -15.42
N LEU B 300 36.78 2.93 -15.49
CA LEU B 300 36.32 1.78 -16.29
C LEU B 300 36.42 2.12 -17.79
N LEU B 301 36.38 3.43 -18.15
CA LEU B 301 36.37 3.97 -19.54
C LEU B 301 37.78 4.15 -20.14
N LYS B 302 38.84 4.15 -19.34
CA LYS B 302 40.22 4.49 -19.80
C LYS B 302 40.71 3.45 -20.80
C7 KHH C . -19.32 -11.04 4.94
C9 KHH C . -21.42 -12.92 7.60
C10 KHH C . -22.28 -11.75 8.14
C11 KHH C . -21.54 -11.08 9.21
C12 KHH C . -21.05 -11.94 10.26
C15 KHH C . -26.00 -14.66 9.92
C16 KHH C . -25.52 -12.19 9.35
C18 KHH C . -29.14 -9.05 9.51
C19 KHH C . -22.51 -10.94 6.89
C13 KHH C . -23.84 -13.58 8.99
C14 KHH C . -25.15 -13.54 9.43
C6 KHH C . -18.72 -12.16 4.13
C5 KHH C . -19.18 -12.39 2.86
C4 KHH C . -18.64 -13.33 2.03
C3 KHH C . -17.50 -14.02 2.43
C2 KHH C . -16.91 -15.01 1.52
C1 KHH C . -17.42 -15.43 0.41
C21 KHH C . -17.53 -12.77 4.51
C22 KHH C . -16.92 -13.71 3.67
F1 KHH C . -20.30 -11.76 2.48
N1 KHH C . -20.32 -11.35 5.97
C8 KHH C . -20.14 -12.49 6.87
N2 KHH C . -20.62 -12.60 11.09
N3 KHH C . -23.50 -12.31 8.63
N4 KHH C . -25.49 -15.88 9.92
O1 KHH C . -27.13 -14.45 10.35
N5 KHH C . -26.76 -11.64 9.68
C17 KHH C . -27.20 -10.41 9.31
O2 KHH C . -26.55 -9.54 8.75
O3 KHH C . -28.46 -10.30 9.75
N6 KHH C . -24.55 -11.47 8.87
F2 KHH C . -23.33 -11.59 5.99
C20 KHH C . -21.33 -10.34 6.26
O4 KHH C . -15.81 -14.38 4.11
C7 KHH D . 6.22 14.04 -17.41
C9 KHH D . 9.10 15.70 -19.39
C10 KHH D . 9.34 14.64 -20.49
C11 KHH D . 10.35 13.66 -19.80
C12 KHH D . 11.61 14.16 -19.27
C15 KHH D . 11.67 17.90 -23.68
C16 KHH D . 10.63 15.54 -23.66
C18 KHH D . 9.94 13.43 -27.87
C19 KHH D . 7.91 14.23 -20.76
C13 KHH D . 10.50 16.58 -21.70
C14 KHH D . 10.97 16.75 -23.02
C6 KHH D . 5.53 15.13 -16.65
C5 KHH D . 4.36 15.71 -17.09
C4 KHH D . 3.70 16.70 -16.39
C3 KHH D . 4.19 17.08 -15.14
C2 KHH D . 3.49 18.12 -14.36
C1 KHH D . 2.58 18.93 -14.79
C21 KHH D . 5.99 15.48 -15.38
C22 KHH D . 5.33 16.44 -14.62
F1 KHH D . 3.88 15.38 -18.32
N1 KHH D . 7.10 14.45 -18.47
C8 KHH D . 8.32 15.19 -18.14
N2 KHH D . 12.57 14.53 -18.80
N3 KHH D . 9.95 15.35 -21.61
N4 KHH D . 11.88 18.99 -22.97
O1 KHH D . 12.04 17.84 -24.86
N5 KHH D . 10.85 15.16 -24.98
C17 KHH D . 10.19 14.21 -25.65
O2 KHH D . 9.45 13.35 -25.18
O3 KHH D . 10.44 14.41 -26.94
N6 KHH D . 9.99 14.73 -22.83
F2 KHH D . 7.17 15.20 -21.42
C20 KHH D . 7.16 13.59 -19.65
O4 KHH D . 5.85 16.82 -13.43
#